data_5UGD
#
_entry.id   5UGD
#
_cell.length_a   49.520
_cell.length_b   39.490
_cell.length_c   62.380
_cell.angle_alpha   90.00
_cell.angle_beta   111.91
_cell.angle_gamma   90.00
#
_symmetry.space_group_name_H-M   'P 1 21 1'
#
loop_
_entity.id
_entity.type
_entity.pdbx_description
1 polymer Plasminogen
2 non-polymer Nalpha-[trans-4-(aminomethyl)cyclohexane-1-carbonyl]-N-octyl-O-[(pyridin-4-yl)methyl]-L-tyrosinamide
3 water water
#
_entity_poly.entity_id   1
_entity_poly.type   'polypeptide(L)'
_entity_poly.pdbx_seq_one_letter_code
;EFAPSFDCGKPQVEPKKCPGRVVGGCVAHPHSWPWQVSLRTRFGMHFCGGTLISPEWVLTAAHCLEKSPRPSSYKVILGA
HQEVNLEPHVQEIEVSRLFLEPTRKDIALLKLSSPAVITDKVIPACLPSPNYVVADRTECFITGWGETQGTFGAGLLKEA
QLPVIENKVCNRYEFLNGRVQSTELCAGHLAGGTDSCQGDSGGPLVCFEKDKYILQGVTSWGLGCARPNKPGVYVRVSRF
VTWIEGVMRNN
;
_entity_poly.pdbx_strand_id   A
#
loop_
_chem_comp.id
_chem_comp.type
_chem_comp.name
_chem_comp.formula
89S non-polymer Nalpha-[trans-4-(aminomethyl)cyclohexane-1-carbonyl]-N-octyl-O-[(pyridin-4-yl)methyl]-L-tyrosinamide 'C31 H46 N4 O3'
#
# COMPACT_ATOMS: atom_id res chain seq x y z
CA PRO A 4 -2.33 -1.94 25.08
C PRO A 4 -1.85 -2.64 23.82
N SER A 5 -2.18 -3.93 23.66
CA SER A 5 -1.80 -4.74 22.49
C SER A 5 -2.89 -4.65 21.40
N PHE A 6 -2.48 -4.33 20.16
CA PHE A 6 -3.41 -4.22 19.03
C PHE A 6 -3.11 -5.34 18.03
N ASP A 7 -4.14 -6.07 17.60
CA ASP A 7 -3.96 -7.14 16.62
C ASP A 7 -3.70 -6.50 15.26
N CYS A 8 -2.84 -7.13 14.45
CA CYS A 8 -2.59 -6.62 13.11
C CYS A 8 -3.90 -6.64 12.33
N GLY A 9 -3.99 -5.74 11.36
CA GLY A 9 -5.09 -5.76 10.39
C GLY A 9 -6.47 -5.42 10.92
N LYS A 10 -6.59 -4.93 12.15
CA LYS A 10 -7.89 -4.65 12.77
C LYS A 10 -8.02 -3.16 13.12
N PRO A 11 -8.56 -2.36 12.19
CA PRO A 11 -8.72 -0.93 12.47
C PRO A 11 -9.61 -0.68 13.68
N GLN A 12 -9.30 0.38 14.44
CA GLN A 12 -10.07 0.78 15.62
C GLN A 12 -11.20 1.75 15.23
N VAL A 13 -11.15 2.24 13.99
CA VAL A 13 -12.19 3.03 13.36
C VAL A 13 -12.62 2.13 12.20
N GLU A 14 -13.85 1.60 12.21
CA GLU A 14 -14.28 0.72 11.14
C GLU A 14 -14.32 1.49 9.80
N PRO A 15 -13.65 0.97 8.75
CA PRO A 15 -13.67 1.71 7.47
C PRO A 15 -15.04 1.80 6.83
N LYS A 16 -15.22 2.84 6.02
CA LYS A 16 -16.45 3.04 5.24
C LYS A 16 -16.71 1.84 4.33
N LYS A 17 -15.64 1.29 3.68
CA LYS A 17 -15.77 0.20 2.69
C LYS A 17 -16.69 0.66 1.58
N CYS A 18 -16.50 1.92 1.09
CA CYS A 18 -17.41 2.45 0.08
C CYS A 18 -17.33 1.61 -1.21
N PRO A 19 -18.47 1.12 -1.73
CA PRO A 19 -18.43 0.28 -2.94
C PRO A 19 -18.06 1.01 -4.22
N VAL A 22 -5.99 8.28 -5.43
CA VAL A 22 -7.12 7.36 -5.67
C VAL A 22 -8.21 8.05 -6.48
N VAL A 23 -8.60 7.44 -7.61
CA VAL A 23 -9.68 7.95 -8.47
C VAL A 23 -10.90 7.17 -8.06
N GLY A 24 -12.02 7.88 -7.87
CA GLY A 24 -13.25 7.24 -7.40
C GLY A 24 -13.10 6.87 -5.93
N GLY A 25 -13.86 5.90 -5.48
CA GLY A 25 -13.85 5.53 -4.08
C GLY A 25 -14.34 6.70 -3.22
N CYS A 26 -13.75 6.89 -2.06
CA CYS A 26 -14.19 7.93 -1.13
C CYS A 26 -13.07 8.34 -0.22
N VAL A 27 -13.30 9.43 0.53
CA VAL A 27 -12.38 9.82 1.59
C VAL A 27 -12.62 8.82 2.73
N ALA A 28 -11.54 8.27 3.28
CA ALA A 28 -11.66 7.29 4.35
C ALA A 28 -12.11 7.98 5.62
N HIS A 29 -12.70 7.21 6.55
CA HIS A 29 -12.88 7.75 7.87
C HIS A 29 -11.44 7.94 8.40
N PRO A 30 -11.10 9.05 9.08
CA PRO A 30 -9.72 9.20 9.57
C PRO A 30 -9.30 8.03 10.47
N HIS A 31 -8.10 7.50 10.20
CA HIS A 31 -7.46 6.46 11.00
C HIS A 31 -8.15 5.09 10.90
N SER A 32 -8.94 4.90 9.82
CA SER A 32 -9.56 3.61 9.57
C SER A 32 -8.64 2.68 8.77
N TRP A 33 -7.45 3.17 8.33
CA TRP A 33 -6.46 2.32 7.62
C TRP A 33 -5.13 2.62 8.31
N PRO A 34 -5.00 2.15 9.57
CA PRO A 34 -3.90 2.64 10.42
C PRO A 34 -2.50 2.18 10.08
N TRP A 35 -2.40 1.30 9.08
CA TRP A 35 -1.11 0.85 8.58
C TRP A 35 -0.65 1.71 7.40
N GLN A 36 -1.53 2.58 6.86
CA GLN A 36 -1.13 3.37 5.72
C GLN A 36 -0.07 4.37 6.12
N VAL A 37 1.04 4.39 5.37
CA VAL A 37 2.05 5.41 5.65
C VAL A 37 2.30 6.24 4.42
N SER A 38 2.87 7.43 4.65
CA SER A 38 3.30 8.33 3.59
C SER A 38 4.83 8.36 3.62
N LEU A 39 5.45 8.04 2.47
CA LEU A 39 6.91 8.09 2.35
C LEU A 39 7.23 9.45 1.79
N ARG A 40 8.11 10.17 2.50
CA ARG A 40 8.39 11.55 2.18
C ARG A 40 9.87 11.86 2.07
N THR A 41 10.18 12.95 1.38
CA THR A 41 11.55 13.45 1.32
C THR A 41 11.90 14.05 2.70
N ARG A 42 13.15 14.49 2.88
CA ARG A 42 13.61 15.14 4.12
C ARG A 42 12.88 16.45 4.37
N PHE A 43 12.38 17.10 3.29
CA PHE A 43 11.62 18.34 3.31
C PHE A 43 10.11 18.11 3.51
N GLY A 44 9.72 16.85 3.73
CA GLY A 44 8.35 16.48 4.04
C GLY A 44 7.39 16.41 2.87
N MET A 45 7.89 16.13 1.67
CA MET A 45 6.98 16.06 0.52
C MET A 45 6.67 14.60 0.21
N HIS A 46 5.36 14.29 0.17
CA HIS A 46 4.86 12.95 -0.14
C HIS A 46 5.26 12.54 -1.56
N PHE A 47 5.76 11.30 -1.71
CA PHE A 47 6.01 10.78 -3.05
C PHE A 47 5.59 9.33 -3.22
N CYS A 48 5.21 8.63 -2.14
CA CYS A 48 4.83 7.23 -2.27
C CYS A 48 4.06 6.85 -1.03
N GLY A 49 3.31 5.78 -1.17
CA GLY A 49 2.71 5.15 -0.01
C GLY A 49 3.60 4.04 0.51
N GLY A 50 3.17 3.46 1.62
CA GLY A 50 3.78 2.28 2.20
C GLY A 50 2.82 1.67 3.20
N THR A 51 3.17 0.50 3.71
CA THR A 51 2.37 -0.20 4.69
C THR A 51 3.23 -0.59 5.87
N LEU A 52 2.79 -0.20 7.08
CA LEU A 52 3.45 -0.63 8.29
C LEU A 52 3.13 -2.13 8.50
N ILE A 53 4.17 -2.99 8.60
CA ILE A 53 3.93 -4.43 8.77
C ILE A 53 4.42 -4.94 10.12
N SER A 54 5.15 -4.10 10.85
CA SER A 54 5.59 -4.37 12.21
C SER A 54 6.04 -3.00 12.74
N PRO A 55 6.25 -2.81 14.05
CA PRO A 55 6.64 -1.47 14.52
C PRO A 55 7.87 -0.88 13.86
N GLU A 56 8.82 -1.72 13.42
CA GLU A 56 10.05 -1.17 12.84
C GLU A 56 10.14 -1.31 11.33
N TRP A 57 9.10 -1.86 10.68
CA TRP A 57 9.19 -2.21 9.26
C TRP A 57 8.07 -1.71 8.41
N VAL A 58 8.42 -1.11 7.26
CA VAL A 58 7.45 -0.63 6.28
C VAL A 58 7.71 -1.31 4.95
N LEU A 59 6.66 -1.84 4.33
CA LEU A 59 6.76 -2.43 3.01
C LEU A 59 6.30 -1.41 1.97
N THR A 60 7.10 -1.24 0.91
CA THR A 60 6.75 -0.28 -0.15
C THR A 60 7.19 -0.84 -1.52
N ALA A 61 7.04 -0.03 -2.58
CA ALA A 61 7.50 -0.45 -3.90
C ALA A 61 8.97 -0.11 -4.05
N ALA A 62 9.75 -0.98 -4.68
CA ALA A 62 11.18 -0.70 -4.87
C ALA A 62 11.38 0.54 -5.75
N HIS A 63 10.45 0.83 -6.69
CA HIS A 63 10.63 2.01 -7.54
C HIS A 63 10.59 3.34 -6.75
N CYS A 64 9.99 3.31 -5.56
CA CYS A 64 9.94 4.49 -4.68
C CYS A 64 11.31 4.83 -4.11
N LEU A 65 12.24 3.87 -4.14
CA LEU A 65 13.55 4.02 -3.51
C LEU A 65 14.71 4.00 -4.48
N GLU A 66 14.44 3.77 -5.76
CA GLU A 66 15.53 3.57 -6.70
C GLU A 66 16.42 4.81 -6.92
N LYS A 67 15.94 6.04 -6.65
CA LYS A 67 16.73 7.28 -6.85
C LYS A 67 17.77 7.51 -5.74
N SER A 68 17.54 6.95 -4.55
CA SER A 68 18.49 7.18 -3.48
C SER A 68 18.70 5.95 -2.66
N PRO A 69 19.97 5.49 -2.52
CA PRO A 69 20.23 4.34 -1.64
C PRO A 69 20.50 4.82 -0.21
N ARG A 70 20.38 6.16 0.05
CA ARG A 70 20.64 6.75 1.36
CA ARG A 70 20.64 6.74 1.35
C ARG A 70 19.38 6.72 2.23
N PRO A 71 19.37 5.93 3.33
CA PRO A 71 18.17 5.90 4.18
C PRO A 71 17.80 7.28 4.71
N SER A 72 18.79 8.19 4.89
CA SER A 72 18.55 9.56 5.37
C SER A 72 17.76 10.41 4.35
N SER A 73 17.62 9.95 3.09
CA SER A 73 16.80 10.67 2.09
C SER A 73 15.30 10.50 2.36
N TYR A 74 14.94 9.65 3.33
CA TYR A 74 13.54 9.28 3.50
C TYR A 74 13.04 9.41 4.91
N LYS A 75 11.78 9.79 5.04
CA LYS A 75 11.10 9.72 6.32
C LYS A 75 9.69 9.20 6.11
N VAL A 76 9.16 8.52 7.12
CA VAL A 76 7.87 7.88 7.06
C VAL A 76 6.91 8.60 8.00
N ILE A 77 5.72 8.92 7.47
CA ILE A 77 4.67 9.59 8.22
C ILE A 77 3.59 8.56 8.55
N LEU A 78 3.34 8.37 9.85
CA LEU A 78 2.39 7.39 10.35
C LEU A 78 1.25 8.06 11.12
N GLY A 79 0.06 7.50 10.99
CA GLY A 79 -1.13 7.98 11.67
C GLY A 79 -1.82 9.14 11.01
N ALA A 80 -1.42 9.47 9.77
CA ALA A 80 -1.99 10.65 9.12
C ALA A 80 -3.33 10.44 8.44
N HIS A 81 -4.05 11.58 8.27
CA HIS A 81 -5.25 11.62 7.46
C HIS A 81 -5.09 12.72 6.43
N GLN A 82 -4.80 13.94 6.87
CA GLN A 82 -4.54 15.04 5.96
C GLN A 82 -3.11 14.91 5.47
N GLU A 83 -2.88 15.17 4.18
CA GLU A 83 -1.54 15.13 3.62
C GLU A 83 -0.73 16.34 4.10
N VAL A 84 -1.33 17.53 4.05
CA VAL A 84 -0.58 18.74 4.29
C VAL A 84 -0.49 19.11 5.75
N ASN A 85 -1.63 19.34 6.38
CA ASN A 85 -1.67 19.74 7.76
C ASN A 85 -1.74 18.50 8.63
N LEU A 86 -0.58 17.93 8.91
CA LEU A 86 -0.49 16.70 9.69
C LEU A 86 -1.10 16.86 11.06
N GLU A 87 -1.82 15.83 11.51
CA GLU A 87 -2.48 15.79 12.83
C GLU A 87 -1.44 15.79 13.96
N PRO A 88 -1.78 16.31 15.14
CA PRO A 88 -0.80 16.38 16.24
C PRO A 88 -0.15 15.05 16.66
N HIS A 89 -0.88 13.93 16.54
CA HIS A 89 -0.37 12.63 16.97
C HIS A 89 0.52 11.97 15.90
N VAL A 90 0.61 12.56 14.71
CA VAL A 90 1.38 11.93 13.63
C VAL A 90 2.82 11.70 14.03
N GLN A 91 3.32 10.52 13.68
CA GLN A 91 4.71 10.18 13.94
C GLN A 91 5.48 10.32 12.64
N GLU A 92 6.64 11.00 12.71
CA GLU A 92 7.56 11.19 11.58
C GLU A 92 8.84 10.48 11.97
N ILE A 93 9.18 9.41 11.27
CA ILE A 93 10.35 8.61 11.64
C ILE A 93 11.31 8.48 10.47
N GLU A 94 12.58 8.79 10.68
CA GLU A 94 13.59 8.66 9.64
C GLU A 94 13.85 7.18 9.32
N VAL A 95 14.13 6.87 8.05
CA VAL A 95 14.42 5.51 7.66
C VAL A 95 15.88 5.22 8.03
N SER A 96 16.15 4.02 8.55
CA SER A 96 17.49 3.61 8.94
C SER A 96 18.17 2.76 7.88
N ARG A 97 17.45 1.85 7.25
CA ARG A 97 18.04 1.00 6.22
C ARG A 97 17.02 0.61 5.19
N LEU A 98 17.50 0.40 3.95
CA LEU A 98 16.67 0.01 2.80
C LEU A 98 17.02 -1.40 2.40
N PHE A 99 16.02 -2.23 2.08
CA PHE A 99 16.25 -3.59 1.63
C PHE A 99 15.43 -3.82 0.38
N LEU A 100 16.09 -3.82 -0.78
CA LEU A 100 15.41 -4.04 -2.06
C LEU A 100 15.27 -5.53 -2.29
N GLU A 101 14.14 -5.95 -2.84
CA GLU A 101 13.98 -7.38 -3.14
C GLU A 101 15.10 -7.79 -4.12
N PRO A 102 15.80 -8.93 -3.84
CA PRO A 102 17.02 -9.25 -4.60
C PRO A 102 16.87 -9.74 -6.03
N THR A 103 15.66 -10.11 -6.44
CA THR A 103 15.42 -10.55 -7.83
C THR A 103 14.89 -9.37 -8.65
N ARG A 104 14.99 -8.17 -8.07
CA ARG A 104 14.65 -6.89 -8.68
C ARG A 104 13.15 -6.72 -8.96
N LYS A 105 12.30 -7.41 -8.18
CA LYS A 105 10.87 -7.18 -8.27
C LYS A 105 10.55 -5.86 -7.58
N ASP A 106 9.34 -5.34 -7.83
CA ASP A 106 9.01 -4.01 -7.39
C ASP A 106 8.54 -3.88 -5.95
N ILE A 107 9.33 -4.41 -5.02
CA ILE A 107 8.96 -4.43 -3.61
C ILE A 107 10.22 -4.25 -2.77
N ALA A 108 10.07 -3.56 -1.62
CA ALA A 108 11.22 -3.27 -0.79
C ALA A 108 10.77 -3.06 0.62
N LEU A 109 11.70 -3.23 1.56
CA LEU A 109 11.46 -2.97 2.95
C LEU A 109 12.27 -1.78 3.41
N LEU A 110 11.67 -1.01 4.31
CA LEU A 110 12.33 0.08 5.00
C LEU A 110 12.37 -0.29 6.45
N LYS A 111 13.57 -0.28 7.05
CA LYS A 111 13.66 -0.44 8.49
C LYS A 111 13.66 0.99 9.07
N LEU A 112 12.77 1.25 10.03
CA LEU A 112 12.68 2.56 10.66
C LEU A 112 13.78 2.76 11.70
N SER A 113 14.24 4.02 11.86
CA SER A 113 15.30 4.38 12.83
CA SER A 113 15.32 4.31 12.82
C SER A 113 14.90 4.08 14.27
N SER A 114 13.58 4.10 14.54
CA SER A 114 13.01 3.78 15.84
CA SER A 114 12.97 3.86 15.85
C SER A 114 11.67 3.12 15.61
N PRO A 115 11.20 2.25 16.52
CA PRO A 115 9.91 1.61 16.27
C PRO A 115 8.79 2.62 16.36
N ALA A 116 7.77 2.43 15.51
CA ALA A 116 6.58 3.26 15.60
C ALA A 116 5.90 2.89 16.93
N VAL A 117 5.26 3.85 17.57
CA VAL A 117 4.46 3.61 18.78
C VAL A 117 3.11 3.14 18.26
N ILE A 118 2.70 1.93 18.66
CA ILE A 118 1.44 1.35 18.19
C ILE A 118 0.31 1.87 19.05
N THR A 119 -0.68 2.47 18.38
CA THR A 119 -1.80 3.13 19.05
C THR A 119 -3.07 2.78 18.31
N ASP A 120 -4.20 3.38 18.71
CA ASP A 120 -5.44 3.12 17.99
C ASP A 120 -5.43 3.74 16.58
N LYS A 121 -4.39 4.53 16.24
CA LYS A 121 -4.29 5.17 14.91
C LYS A 121 -3.09 4.69 14.08
N VAL A 122 -2.20 3.87 14.69
CA VAL A 122 -0.99 3.38 14.04
C VAL A 122 -0.87 1.90 14.40
N ILE A 123 -1.23 1.03 13.44
CA ILE A 123 -1.33 -0.40 13.68
C ILE A 123 -0.84 -1.11 12.42
N PRO A 124 0.00 -2.14 12.53
CA PRO A 124 0.45 -2.83 11.31
C PRO A 124 -0.67 -3.61 10.61
N ALA A 125 -0.50 -3.82 9.30
CA ALA A 125 -1.35 -4.72 8.53
C ALA A 125 -0.83 -6.12 8.79
N CYS A 126 -1.65 -7.14 8.47
CA CYS A 126 -1.24 -8.54 8.58
C CYS A 126 -0.65 -8.96 7.28
N LEU A 127 0.39 -9.78 7.35
CA LEU A 127 0.96 -10.37 6.13
C LEU A 127 0.15 -11.63 5.76
N PRO A 128 0.10 -11.96 4.47
CA PRO A 128 -0.60 -13.18 4.06
C PRO A 128 0.25 -14.42 4.34
N SER A 129 -0.36 -15.59 4.20
CA SER A 129 0.41 -16.83 4.29
C SER A 129 1.28 -16.98 3.02
N PRO A 130 2.45 -17.61 3.14
CA PRO A 130 3.32 -17.72 1.96
C PRO A 130 2.62 -18.33 0.77
N ASN A 131 2.73 -17.67 -0.39
CA ASN A 131 2.24 -18.15 -1.69
C ASN A 131 0.70 -18.22 -1.77
N TYR A 132 -0.02 -17.62 -0.84
CA TYR A 132 -1.47 -17.52 -0.90
C TYR A 132 -1.89 -16.94 -2.25
N VAL A 133 -2.97 -17.48 -2.83
CA VAL A 133 -3.46 -16.92 -4.09
C VAL A 133 -4.79 -16.25 -3.82
N VAL A 134 -4.92 -14.94 -4.09
CA VAL A 134 -6.19 -14.28 -3.93
C VAL A 134 -7.09 -14.66 -5.12
N ALA A 135 -8.21 -15.29 -4.83
CA ALA A 135 -9.08 -15.77 -5.89
C ALA A 135 -9.75 -14.67 -6.70
N ASP A 136 -10.06 -15.00 -7.96
CA ASP A 136 -10.78 -14.11 -8.83
C ASP A 136 -12.04 -13.57 -8.11
N ARG A 137 -12.28 -12.25 -8.28
CA ARG A 137 -13.45 -11.49 -7.80
C ARG A 137 -13.43 -11.17 -6.31
N THR A 138 -12.38 -11.55 -5.59
CA THR A 138 -12.28 -11.21 -4.17
C THR A 138 -12.31 -9.68 -4.04
N GLU A 139 -13.11 -9.15 -3.09
CA GLU A 139 -13.20 -7.71 -2.88
C GLU A 139 -12.08 -7.25 -1.96
N CYS A 140 -11.31 -6.29 -2.46
CA CYS A 140 -10.17 -5.75 -1.74
C CYS A 140 -10.25 -4.25 -1.75
N PHE A 141 -9.36 -3.61 -0.98
CA PHE A 141 -9.30 -2.15 -0.91
C PHE A 141 -7.91 -1.65 -1.12
N ILE A 142 -7.81 -0.50 -1.79
CA ILE A 142 -6.56 0.22 -1.94
C ILE A 142 -6.75 1.57 -1.23
N THR A 143 -5.67 2.13 -0.70
CA THR A 143 -5.72 3.41 -0.04
C THR A 143 -4.54 4.25 -0.46
N GLY A 144 -4.71 5.56 -0.32
CA GLY A 144 -3.60 6.45 -0.60
C GLY A 144 -3.97 7.89 -0.76
N TRP A 145 -2.92 8.71 -0.94
CA TRP A 145 -3.05 10.16 -1.14
C TRP A 145 -2.74 10.56 -2.59
N GLY A 146 -2.78 9.61 -3.51
CA GLY A 146 -2.48 9.91 -4.90
C GLY A 146 -3.55 10.72 -5.63
N GLU A 147 -3.30 10.98 -6.91
CA GLU A 147 -4.21 11.76 -7.76
C GLU A 147 -5.65 11.25 -7.74
N THR A 148 -6.64 12.18 -7.91
CA THR A 148 -8.05 11.85 -7.88
C THR A 148 -8.80 11.97 -9.21
N GLN A 149 -8.19 12.58 -10.22
CA GLN A 149 -8.80 12.75 -11.55
C GLN A 149 -10.28 13.26 -11.50
N GLY A 150 -10.52 14.30 -10.71
CA GLY A 150 -11.83 14.95 -10.57
C GLY A 150 -12.88 14.21 -9.75
N THR A 151 -12.42 13.32 -8.82
CA THR A 151 -13.40 12.53 -8.04
C THR A 151 -13.51 12.95 -6.59
N PHE A 152 -12.88 14.06 -6.25
CA PHE A 152 -13.04 14.61 -4.89
CA PHE A 152 -12.87 14.75 -4.97
C PHE A 152 -12.10 13.97 -3.90
N GLY A 153 -11.74 14.74 -2.89
CA GLY A 153 -10.96 14.24 -1.78
C GLY A 153 -9.46 14.42 -1.88
N ALA A 154 -8.97 15.24 -2.83
CA ALA A 154 -7.52 15.52 -2.91
C ALA A 154 -7.02 16.09 -1.58
N GLY A 155 -5.90 15.56 -1.10
CA GLY A 155 -5.32 16.03 0.15
C GLY A 155 -5.72 15.24 1.38
N LEU A 156 -6.67 14.29 1.22
CA LEU A 156 -7.14 13.44 2.32
C LEU A 156 -6.92 12.00 1.95
N LEU A 157 -6.77 11.13 2.96
CA LEU A 157 -6.56 9.72 2.66
C LEU A 157 -7.84 9.14 2.05
N LYS A 158 -7.74 8.54 0.85
CA LYS A 158 -8.87 7.94 0.21
C LYS A 158 -8.73 6.42 0.16
N GLU A 159 -9.86 5.78 -0.05
CA GLU A 159 -9.94 4.34 -0.24
C GLU A 159 -10.78 4.04 -1.46
N ALA A 160 -10.58 2.85 -2.03
CA ALA A 160 -11.42 2.38 -3.13
C ALA A 160 -11.52 0.89 -3.04
N GLN A 161 -12.72 0.38 -3.31
CA GLN A 161 -12.99 -1.04 -3.34
C GLN A 161 -12.70 -1.53 -4.74
N LEU A 162 -11.84 -2.52 -4.86
CA LEU A 162 -11.51 -3.07 -6.18
C LEU A 162 -11.60 -4.58 -6.11
N PRO A 163 -12.26 -5.24 -7.06
CA PRO A 163 -12.20 -6.70 -7.06
C PRO A 163 -10.91 -7.19 -7.72
N VAL A 164 -10.36 -8.27 -7.20
CA VAL A 164 -9.22 -8.90 -7.86
C VAL A 164 -9.70 -9.54 -9.14
N ILE A 165 -8.86 -9.45 -10.16
CA ILE A 165 -9.10 -10.08 -11.47
C ILE A 165 -7.97 -11.11 -11.59
N GLU A 166 -8.28 -12.41 -11.67
CA GLU A 166 -7.23 -13.41 -11.75
C GLU A 166 -6.28 -13.16 -12.94
N ASN A 167 -5.01 -13.53 -12.78
CA ASN A 167 -4.00 -13.21 -13.79
C ASN A 167 -4.35 -13.69 -15.17
N LYS A 168 -4.91 -14.90 -15.29
CA LYS A 168 -5.23 -15.45 -16.60
C LYS A 168 -6.27 -14.60 -17.33
N VAL A 169 -7.13 -13.87 -16.59
CA VAL A 169 -8.10 -12.96 -17.17
C VAL A 169 -7.41 -11.62 -17.42
N CYS A 170 -6.68 -11.11 -16.43
CA CYS A 170 -6.02 -9.84 -16.57
C CYS A 170 -5.06 -9.78 -17.77
N ASN A 171 -4.48 -10.93 -18.10
CA ASN A 171 -3.51 -10.99 -19.20
C ASN A 171 -4.16 -11.10 -20.58
N ARG A 172 -5.50 -11.14 -20.67
CA ARG A 172 -6.13 -11.21 -21.99
C ARG A 172 -5.83 -9.93 -22.77
N TYR A 173 -5.93 -10.03 -24.09
CA TYR A 173 -5.66 -8.92 -24.99
C TYR A 173 -6.39 -7.66 -24.62
N GLU A 174 -7.68 -7.77 -24.27
CA GLU A 174 -8.55 -6.62 -23.96
C GLU A 174 -8.13 -5.89 -22.70
N PHE A 175 -7.35 -6.56 -21.85
CA PHE A 175 -6.90 -6.00 -20.60
C PHE A 175 -5.41 -5.67 -20.68
N LEU A 176 -4.53 -6.47 -20.07
CA LEU A 176 -3.10 -6.13 -20.04
C LEU A 176 -2.22 -6.96 -20.98
N ASN A 177 -2.83 -7.83 -21.83
CA ASN A 177 -2.15 -8.44 -22.96
C ASN A 177 -0.80 -9.07 -22.63
N GLY A 178 -0.84 -9.93 -21.62
CA GLY A 178 0.28 -10.77 -21.23
C GLY A 178 1.28 -10.21 -20.24
N ARG A 179 1.22 -8.91 -19.96
CA ARG A 179 2.27 -8.25 -19.17
C ARG A 179 2.41 -8.70 -17.73
N VAL A 180 1.34 -9.20 -17.11
CA VAL A 180 1.34 -9.48 -15.69
C VAL A 180 2.06 -10.78 -15.36
N GLN A 181 2.99 -10.69 -14.40
CA GLN A 181 3.79 -11.83 -13.98
C GLN A 181 3.12 -12.57 -12.84
N SER A 182 3.57 -13.83 -12.57
CA SER A 182 2.97 -14.60 -11.47
C SER A 182 3.17 -13.92 -10.11
N THR A 183 4.23 -13.10 -9.99
CA THR A 183 4.53 -12.36 -8.77
C THR A 183 3.79 -11.03 -8.70
N GLU A 184 2.79 -10.85 -9.56
CA GLU A 184 1.91 -9.68 -9.54
C GLU A 184 0.49 -10.16 -9.52
N LEU A 185 -0.41 -9.24 -9.16
CA LEU A 185 -1.84 -9.49 -9.21
C LEU A 185 -2.52 -8.26 -9.79
N CYS A 186 -3.75 -8.43 -10.26
CA CYS A 186 -4.58 -7.38 -10.85
C CYS A 186 -5.77 -7.09 -10.04
N ALA A 187 -6.18 -5.82 -10.00
CA ALA A 187 -7.43 -5.48 -9.35
C ALA A 187 -8.02 -4.27 -10.01
N GLY A 188 -9.34 -4.26 -10.16
CA GLY A 188 -10.02 -3.12 -10.75
C GLY A 188 -11.39 -3.44 -11.27
N HIS A 189 -12.10 -2.41 -11.71
CA HIS A 189 -13.44 -2.58 -12.28
C HIS A 189 -13.33 -2.51 -13.78
N LEU A 190 -13.99 -3.46 -14.47
CA LEU A 190 -14.05 -3.57 -15.93
C LEU A 190 -14.39 -2.22 -16.57
N ALA A 191 -15.39 -1.54 -16.01
CA ALA A 191 -15.88 -0.28 -16.56
C ALA A 191 -14.99 0.93 -16.26
N GLY A 192 -13.98 0.75 -15.41
CA GLY A 192 -13.07 1.81 -15.02
C GLY A 192 -13.73 2.74 -14.02
N GLY A 193 -13.15 3.94 -13.84
CA GLY A 193 -13.66 4.97 -12.95
C GLY A 193 -13.13 4.93 -11.52
N THR A 194 -12.60 3.77 -11.08
CA THR A 194 -12.09 3.62 -9.71
C THR A 194 -10.73 2.98 -9.80
N ASP A 195 -9.67 3.60 -9.20
CA ASP A 195 -8.34 3.01 -9.30
C ASP A 195 -7.35 3.72 -8.43
N SER A 196 -6.18 3.10 -8.22
CA SER A 196 -5.05 3.78 -7.60
C SER A 196 -4.45 4.64 -8.71
N CYS A 197 -3.77 5.71 -8.33
CA CYS A 197 -3.23 6.64 -9.30
C CYS A 197 -1.91 7.25 -8.82
N GLN A 198 -1.33 8.15 -9.62
CA GLN A 198 0.00 8.69 -9.31
C GLN A 198 0.07 9.20 -7.88
N GLY A 199 1.00 8.67 -7.11
CA GLY A 199 1.13 9.06 -5.71
C GLY A 199 0.65 7.98 -4.77
N ASP A 200 -0.04 6.95 -5.32
CA ASP A 200 -0.49 5.82 -4.53
C ASP A 200 0.50 4.68 -4.54
N SER A 201 1.46 4.65 -5.47
CA SER A 201 2.36 3.52 -5.52
C SER A 201 3.10 3.31 -4.24
N GLY A 202 3.39 2.06 -3.95
CA GLY A 202 4.03 1.64 -2.72
C GLY A 202 3.02 1.36 -1.63
N GLY A 203 1.80 1.87 -1.75
CA GLY A 203 0.77 1.67 -0.74
C GLY A 203 0.16 0.29 -0.79
N PRO A 204 -0.79 0.06 0.13
CA PRO A 204 -1.38 -1.26 0.26
C PRO A 204 -2.58 -1.56 -0.62
N LEU A 205 -2.74 -2.85 -0.90
CA LEU A 205 -3.95 -3.47 -1.39
C LEU A 205 -4.25 -4.53 -0.31
N VAL A 206 -5.36 -4.33 0.42
CA VAL A 206 -5.70 -5.27 1.51
C VAL A 206 -6.98 -5.97 1.20
N CYS A 207 -7.15 -7.18 1.72
CA CYS A 207 -8.39 -7.92 1.50
C CYS A 207 -8.85 -8.45 2.82
N PHE A 208 -10.13 -8.22 3.14
CA PHE A 208 -10.70 -8.64 4.42
C PHE A 208 -10.90 -10.14 4.46
N GLU A 209 -10.43 -10.77 5.53
CA GLU A 209 -10.56 -12.21 5.73
C GLU A 209 -11.08 -12.46 7.13
N LYS A 210 -12.38 -12.77 7.22
CA LYS A 210 -13.20 -13.06 8.41
C LYS A 210 -13.27 -11.93 9.46
N ASP A 211 -12.14 -11.44 10.00
CA ASP A 211 -12.17 -10.40 11.02
C ASP A 211 -11.01 -9.42 10.93
N LYS A 212 -10.24 -9.45 9.83
CA LYS A 212 -9.09 -8.55 9.71
C LYS A 212 -8.72 -8.34 8.25
N TYR A 213 -7.88 -7.32 8.02
CA TYR A 213 -7.39 -7.03 6.68
C TYR A 213 -6.02 -7.60 6.50
N ILE A 214 -5.82 -8.29 5.37
CA ILE A 214 -4.54 -8.90 5.04
C ILE A 214 -3.94 -8.17 3.86
N LEU A 215 -2.65 -7.81 3.97
CA LEU A 215 -1.95 -7.12 2.89
C LEU A 215 -1.64 -8.10 1.76
N GLN A 216 -2.32 -7.98 0.62
CA GLN A 216 -2.10 -8.91 -0.48
C GLN A 216 -1.35 -8.27 -1.63
N GLY A 217 -1.37 -6.95 -1.73
CA GLY A 217 -0.69 -6.30 -2.84
C GLY A 217 0.05 -5.04 -2.43
N VAL A 218 1.07 -4.67 -3.22
CA VAL A 218 1.75 -3.37 -3.11
C VAL A 218 1.46 -2.66 -4.42
N THR A 219 0.88 -1.45 -4.36
CA THR A 219 0.55 -0.70 -5.58
C THR A 219 1.81 -0.48 -6.42
N SER A 220 1.78 -0.95 -7.68
CA SER A 220 2.97 -0.92 -8.50
C SER A 220 2.84 -0.11 -9.80
N TRP A 221 1.97 -0.52 -10.73
CA TRP A 221 1.91 0.20 -11.99
C TRP A 221 0.56 0.00 -12.65
N GLY A 222 0.36 0.70 -13.75
CA GLY A 222 -0.83 0.50 -14.55
C GLY A 222 -0.66 1.21 -15.86
N LEU A 223 -1.59 0.99 -16.79
CA LEU A 223 -1.61 1.71 -18.05
C LEU A 223 -2.63 2.83 -17.81
N GLY A 224 -2.14 3.95 -17.31
CA GLY A 224 -2.99 5.04 -16.86
C GLY A 224 -3.73 4.65 -15.58
N CYS A 225 -4.72 5.47 -15.19
CA CYS A 225 -5.57 5.23 -14.02
C CYS A 225 -7.01 5.19 -14.44
N ALA A 226 -7.77 4.25 -13.84
CA ALA A 226 -9.22 4.19 -13.95
C ALA A 226 -9.77 4.13 -15.36
N ARG A 227 -8.93 3.71 -16.32
CA ARG A 227 -9.43 3.56 -17.68
C ARG A 227 -10.26 2.26 -17.79
N PRO A 228 -11.31 2.20 -18.63
CA PRO A 228 -12.01 0.93 -18.79
C PRO A 228 -11.04 -0.12 -19.31
N ASN A 229 -11.22 -1.36 -18.84
CA ASN A 229 -10.41 -2.52 -19.29
C ASN A 229 -8.92 -2.40 -18.98
N LYS A 230 -8.54 -1.55 -18.02
CA LYS A 230 -7.14 -1.38 -17.70
C LYS A 230 -6.98 -1.36 -16.18
N PRO A 231 -7.02 -2.57 -15.59
CA PRO A 231 -6.92 -2.66 -14.12
C PRO A 231 -5.50 -2.39 -13.67
N GLY A 232 -5.37 -1.97 -12.42
CA GLY A 232 -4.05 -1.74 -11.83
C GLY A 232 -3.34 -3.03 -11.52
N VAL A 233 -2.00 -2.95 -11.49
CA VAL A 233 -1.12 -4.07 -11.20
C VAL A 233 -0.43 -3.83 -9.87
N TYR A 234 -0.38 -4.88 -9.06
CA TYR A 234 0.15 -4.85 -7.71
C TYR A 234 1.18 -5.95 -7.53
N VAL A 235 2.23 -5.73 -6.74
CA VAL A 235 3.12 -6.84 -6.43
C VAL A 235 2.31 -7.81 -5.53
N ARG A 236 2.42 -9.12 -5.81
CA ARG A 236 1.71 -10.16 -5.08
C ARG A 236 2.51 -10.44 -3.82
N VAL A 237 2.11 -9.80 -2.70
CA VAL A 237 2.87 -9.90 -1.46
C VAL A 237 3.12 -11.32 -0.99
N SER A 238 2.15 -12.24 -1.19
CA SER A 238 2.35 -13.58 -0.67
C SER A 238 3.56 -14.26 -1.25
N ARG A 239 4.00 -13.88 -2.46
CA ARG A 239 5.17 -14.53 -3.04
C ARG A 239 6.48 -14.01 -2.45
N PHE A 240 6.39 -13.00 -1.56
CA PHE A 240 7.56 -12.38 -0.95
C PHE A 240 7.56 -12.49 0.57
N VAL A 241 6.57 -13.20 1.16
CA VAL A 241 6.50 -13.32 2.63
C VAL A 241 7.73 -14.00 3.21
N THR A 242 8.22 -15.09 2.59
CA THR A 242 9.42 -15.74 3.10
C THR A 242 10.62 -14.77 3.09
N TRP A 243 10.75 -13.97 2.01
CA TRP A 243 11.86 -13.02 1.92
C TRP A 243 11.69 -11.91 2.97
N ILE A 244 10.47 -11.36 3.08
CA ILE A 244 10.20 -10.30 4.06
C ILE A 244 10.51 -10.77 5.47
N GLU A 245 9.98 -11.96 5.83
CA GLU A 245 10.21 -12.51 7.18
C GLU A 245 11.71 -12.71 7.41
N GLY A 246 12.43 -13.17 6.39
CA GLY A 246 13.88 -13.38 6.51
C GLY A 246 14.63 -12.08 6.75
N VAL A 247 14.22 -11.00 6.09
CA VAL A 247 14.86 -9.71 6.29
C VAL A 247 14.61 -9.23 7.73
N MET A 248 13.37 -9.33 8.17
CA MET A 248 13.04 -8.87 9.52
C MET A 248 13.76 -9.70 10.58
N ARG A 249 13.86 -11.02 10.37
CA ARG A 249 14.50 -11.93 11.34
C ARG A 249 16.00 -11.66 11.44
N ASN A 250 16.62 -11.27 10.33
CA ASN A 250 18.05 -11.15 10.32
C ASN A 250 18.57 -9.71 10.41
N ASN A 251 17.67 -8.73 10.56
CA ASN A 251 18.05 -7.31 10.71
C ASN A 251 17.27 -6.73 11.89
CAA 89S B . 9.00 15.71 -9.87
CAM 89S B . 9.17 14.57 -8.86
CAO 89S B . 7.94 14.50 -7.95
CAP 89S B . 7.15 13.21 -8.25
CAQ 89S B . 6.21 12.92 -7.07
CAR 89S B . 4.87 12.40 -7.60
CAS 89S B . 4.74 10.90 -7.35
CAT 89S B . 3.79 10.27 -8.38
NBB 89S B . 4.03 8.80 -8.39
C 89S B . 4.02 8.04 -9.50
O 89S B . 3.81 8.45 -10.66
CA 89S B . 4.39 6.59 -9.27
N 89S B . 3.41 5.65 -9.87
CBF 89S B . 2.20 5.48 -9.30
OAD 89S B . 1.81 6.11 -8.30
CBK 89S B . 1.31 4.47 -10.02
CAW 89S B . 0.53 5.20 -11.14
CAU 89S B . -0.35 4.22 -11.90
CBJ 89S B . -1.34 3.52 -10.96
CAN 89S B . -2.16 2.53 -11.76
NAB 89S B . -3.25 1.93 -10.97
CAV 89S B . -0.55 2.78 -9.85
CAX 89S B . 0.29 3.78 -9.05
CB 89S B . 5.79 6.27 -9.75
CG 89S B . 6.78 7.09 -9.12
CD2 89S B . 7.13 6.92 -7.78
CE2 89S B . 8.14 7.71 -7.19
CD1 89S B . 7.45 8.07 -9.88
CE1 89S B . 8.45 8.86 -9.30
CZ 89S B . 8.79 8.69 -7.94
OH 89S B . 9.85 9.38 -7.38
CAY 89S B . 9.70 10.77 -7.06
CBG 89S B . 10.67 11.19 -6.14
CAG 89S B . 11.17 12.49 -6.21
CAE 89S B . 12.10 12.95 -5.26
NBA 89S B . 12.50 12.09 -4.21
CAF 89S B . 12.00 10.78 -4.13
CAH 89S B . 11.09 10.34 -5.10
#